data_2ZY0
#
_entry.id   2ZY0
#
_cell.length_a   64.975
_cell.length_b   66.850
_cell.length_c   110.793
_cell.angle_alpha   90.000
_cell.angle_beta   90.000
_cell.angle_gamma   90.000
#
_symmetry.space_group_name_H-M   'P 21 21 21'
#
loop_
_entity.id
_entity.type
_entity.pdbx_description
1 polymer 'Retinoic acid receptor RXR-alpha'
2 polymer 'GRIP1 from Nuclear receptor coactivator 2'
3 non-polymer '4-[2-(1,1,3,3-tetramethyl-2,3-dihydro-1H-1,3-benzodisilol-5-yl)-1,3-dioxolan-2-yl]benzoic acid'
4 water water
#
loop_
_entity_poly.entity_id
_entity_poly.type
_entity_poly.pdbx_seq_one_letter_code
_entity_poly.pdbx_strand_id
1 'polypeptide(L)'
;TSSANEDMPVERILEAELAVEPKTETYVEANMGLNPSSPNDPVTNICQAADKQLFTLVEWAKRIPHFSELPLDDQVILLR
AGWNELLIASFSHRSIAVKDGILLATGLHVHRNSAHSAGVGAIFDRVLTELVSKMRDMQMDKTELGCLRAIVLFNPDSKG
LSNPAEVEALREKVYASLEAYCKHKYPEQPGRFAKLLLRLPALRSIGLKCLEHLFFFKLIGDTPIDTFLMEMLEAPHQMT
;
A,C
2 'polypeptide(L)' KHKILHRLLQDSS B,D
#
loop_
_chem_comp.id
_chem_comp.type
_chem_comp.name
_chem_comp.formula
21P non-polymer '4-[2-(1,1,3,3-tetramethyl-2,3-dihydro-1H-1,3-benzodisilol-5-yl)-1,3-dioxolan-2-yl]benzoic acid' 'C21 H26 O4 Si2'
#
# COMPACT_ATOMS: atom_id res chain seq x y z
N ASN A 5 -5.14 22.77 -11.96
CA ASN A 5 -6.51 22.17 -12.06
C ASN A 5 -7.16 22.39 -13.43
N GLU A 6 -6.40 22.94 -14.37
CA GLU A 6 -6.89 23.15 -15.75
C GLU A 6 -6.51 21.97 -16.66
N ASP A 7 -5.42 21.28 -16.33
CA ASP A 7 -4.99 20.09 -17.07
C ASP A 7 -5.60 18.78 -16.52
N MET A 8 -5.98 18.80 -15.24
CA MET A 8 -6.67 17.67 -14.59
C MET A 8 -7.75 18.21 -13.65
N PRO A 9 -8.93 18.56 -14.21
CA PRO A 9 -9.99 19.16 -13.41
C PRO A 9 -10.67 18.15 -12.49
N VAL A 10 -10.87 18.53 -11.23
CA VAL A 10 -11.59 17.69 -10.27
C VAL A 10 -13.08 17.57 -10.62
N GLU A 11 -13.57 18.52 -11.41
CA GLU A 11 -14.97 18.55 -11.83
C GLU A 11 -15.28 17.41 -12.80
N ARG A 12 -14.31 17.08 -13.65
CA ARG A 12 -14.48 16.04 -14.66
C ARG A 12 -14.34 14.64 -14.05
N ILE A 13 -13.46 14.51 -13.06
CA ILE A 13 -13.30 13.28 -12.30
C ILE A 13 -14.58 12.98 -11.54
N LEU A 14 -15.20 14.01 -10.97
CA LEU A 14 -16.48 13.88 -10.27
C LEU A 14 -17.62 13.51 -11.23
N GLU A 15 -17.57 14.00 -12.47
CA GLU A 15 -18.54 13.65 -13.50
C GLU A 15 -18.43 12.17 -13.87
N ALA A 16 -17.20 11.67 -13.88
CA ALA A 16 -16.91 10.25 -14.17
C ALA A 16 -17.47 9.34 -13.07
N GLU A 17 -17.40 9.80 -11.82
CA GLU A 17 -17.96 9.09 -10.68
C GLU A 17 -19.49 9.09 -10.71
N LEU A 18 -20.07 10.22 -11.08
CA LEU A 18 -21.53 10.35 -11.16
C LEU A 18 -22.13 9.61 -12.35
N ALA A 19 -21.37 9.49 -13.43
CA ALA A 19 -21.82 8.79 -14.63
C ALA A 19 -22.03 7.29 -14.41
N VAL A 20 -21.27 6.72 -13.49
CA VAL A 20 -21.30 5.28 -13.23
C VAL A 20 -21.99 4.89 -11.90
N GLU A 21 -22.50 5.89 -11.19
CA GLU A 21 -23.26 5.70 -9.95
C GLU A 21 -24.37 4.64 -10.15
N PRO A 22 -24.21 3.46 -9.51
CA PRO A 22 -24.98 2.21 -9.74
C PRO A 22 -26.44 2.42 -10.10
N ASN A 40 -27.54 -17.45 -4.29
CA ASN A 40 -27.97 -17.29 -2.89
C ASN A 40 -26.82 -17.31 -1.87
N ASP A 41 -25.72 -17.98 -2.23
CA ASP A 41 -24.49 -17.96 -1.44
C ASP A 41 -23.94 -16.53 -1.48
N PRO A 42 -23.68 -15.93 -0.29
CA PRO A 42 -23.20 -14.55 -0.23
C PRO A 42 -22.00 -14.28 -1.15
N VAL A 43 -21.04 -15.21 -1.17
CA VAL A 43 -19.85 -15.12 -2.01
C VAL A 43 -20.22 -15.08 -3.50
N THR A 44 -21.26 -15.83 -3.88
CA THR A 44 -21.77 -15.84 -5.25
C THR A 44 -22.36 -14.49 -5.65
N ASN A 45 -23.15 -13.89 -4.76
CA ASN A 45 -23.76 -12.59 -5.01
C ASN A 45 -22.73 -11.47 -5.19
N ILE A 46 -21.73 -11.45 -4.32
CA ILE A 46 -20.64 -10.48 -4.38
C ILE A 46 -19.86 -10.61 -5.69
N CYS A 47 -19.66 -11.85 -6.15
CA CYS A 47 -18.95 -12.14 -7.40
C CYS A 47 -19.72 -11.69 -8.63
N GLN A 48 -21.03 -11.84 -8.60
CA GLN A 48 -21.90 -11.38 -9.68
C GLN A 48 -21.84 -9.87 -9.82
N ALA A 49 -21.87 -9.17 -8.69
CA ALA A 49 -21.74 -7.73 -8.66
C ALA A 49 -20.37 -7.31 -9.17
N ALA A 50 -19.33 -8.02 -8.73
CA ALA A 50 -17.95 -7.76 -9.13
C ALA A 50 -17.75 -7.84 -10.65
N ASP A 51 -18.51 -8.73 -11.29
CA ASP A 51 -18.48 -8.85 -12.74
C ASP A 51 -19.19 -7.68 -13.39
N LYS A 52 -20.44 -7.43 -12.95
CA LYS A 52 -21.24 -6.30 -13.40
C LYS A 52 -20.42 -5.02 -13.33
N GLN A 53 -19.64 -4.88 -12.26
CA GLN A 53 -18.89 -3.67 -12.00
C GLN A 53 -17.64 -3.52 -12.83
N LEU A 54 -17.15 -4.62 -13.39
CA LEU A 54 -15.98 -4.57 -14.26
C LEU A 54 -16.31 -3.88 -15.59
N PHE A 55 -17.52 -4.12 -16.10
CA PHE A 55 -17.96 -3.47 -17.33
C PHE A 55 -18.04 -1.96 -17.17
N THR A 56 -18.67 -1.52 -16.09
CA THR A 56 -18.87 -0.08 -15.85
C THR A 56 -17.58 0.60 -15.36
N LEU A 57 -16.63 -0.19 -14.86
CA LEU A 57 -15.30 0.32 -14.53
C LEU A 57 -14.57 0.82 -15.77
N VAL A 58 -14.76 0.12 -16.89
CA VAL A 58 -14.19 0.53 -18.17
C VAL A 58 -14.76 1.88 -18.58
N GLU A 59 -16.08 2.03 -18.47
CA GLU A 59 -16.77 3.30 -18.78
C GLU A 59 -16.28 4.45 -17.91
N TRP A 60 -16.05 4.17 -16.63
CA TRP A 60 -15.51 5.15 -15.70
C TRP A 60 -14.09 5.58 -16.10
N ALA A 61 -13.25 4.61 -16.46
CA ALA A 61 -11.85 4.87 -16.78
C ALA A 61 -11.70 5.79 -17.99
N LYS A 62 -12.52 5.53 -19.01
CA LYS A 62 -12.57 6.34 -20.23
C LYS A 62 -12.87 7.81 -19.96
N ARG A 63 -13.76 8.05 -19.01
CA ARG A 63 -14.18 9.40 -18.63
C ARG A 63 -13.20 10.11 -17.70
N ILE A 64 -12.12 9.41 -17.34
CA ILE A 64 -11.04 10.04 -16.58
C ILE A 64 -10.12 10.71 -17.58
N PRO A 65 -9.83 12.03 -17.39
CA PRO A 65 -9.06 12.80 -18.35
C PRO A 65 -7.74 12.14 -18.74
N HIS A 66 -7.55 12.01 -20.06
CA HIS A 66 -6.31 11.53 -20.68
C HIS A 66 -6.06 10.03 -20.61
N PHE A 67 -6.97 9.28 -20.00
CA PHE A 67 -6.82 7.83 -19.94
C PHE A 67 -6.93 7.24 -21.35
N SER A 68 -7.99 7.62 -22.07
CA SER A 68 -8.23 7.15 -23.44
C SER A 68 -7.11 7.52 -24.41
N GLU A 69 -6.44 8.65 -24.14
CA GLU A 69 -5.33 9.13 -24.96
C GLU A 69 -4.07 8.26 -24.85
N LEU A 70 -4.01 7.40 -23.83
CA LEU A 70 -2.91 6.44 -23.68
C LEU A 70 -3.00 5.33 -24.73
N PRO A 71 -1.85 4.75 -25.15
CA PRO A 71 -1.91 3.63 -26.09
C PRO A 71 -2.77 2.50 -25.53
N LEU A 72 -3.48 1.80 -26.40
CA LEU A 72 -4.44 0.78 -25.97
C LEU A 72 -3.83 -0.26 -25.02
N ASP A 73 -2.58 -0.62 -25.27
CA ASP A 73 -1.88 -1.63 -24.47
C ASP A 73 -1.64 -1.20 -23.01
N ASP A 74 -1.40 0.10 -22.82
CA ASP A 74 -1.21 0.66 -21.49
C ASP A 74 -2.54 0.83 -20.73
N GLN A 75 -3.61 1.12 -21.47
CA GLN A 75 -4.95 1.18 -20.91
C GLN A 75 -5.35 -0.16 -20.30
N VAL A 76 -4.97 -1.25 -20.97
CA VAL A 76 -5.21 -2.62 -20.50
C VAL A 76 -4.40 -2.93 -19.23
N ILE A 77 -3.10 -2.67 -19.29
CA ILE A 77 -2.18 -2.94 -18.17
C ILE A 77 -2.65 -2.26 -16.89
N LEU A 78 -3.01 -0.98 -16.97
CA LEU A 78 -3.47 -0.21 -15.81
C LEU A 78 -4.73 -0.80 -15.18
N LEU A 79 -5.67 -1.21 -16.02
CA LEU A 79 -6.94 -1.78 -15.54
C LEU A 79 -6.79 -3.19 -15.00
N ARG A 80 -5.86 -3.97 -15.55
CA ARG A 80 -5.60 -5.31 -15.05
C ARG A 80 -4.87 -5.26 -13.71
N ALA A 81 -4.12 -4.19 -13.49
CA ALA A 81 -3.36 -4.00 -12.26
C ALA A 81 -4.19 -3.37 -11.15
N GLY A 82 -5.22 -2.63 -11.55
CA GLY A 82 -5.97 -1.80 -10.59
C GLY A 82 -7.41 -2.18 -10.28
N TRP A 83 -8.02 -3.02 -11.11
CA TRP A 83 -9.43 -3.37 -10.96
C TRP A 83 -9.85 -3.77 -9.54
N ASN A 84 -8.96 -4.45 -8.82
CA ASN A 84 -9.24 -4.84 -7.44
C ASN A 84 -9.41 -3.65 -6.52
N GLU A 85 -8.35 -2.86 -6.40
CA GLU A 85 -8.34 -1.68 -5.55
C GLU A 85 -9.37 -0.65 -6.01
N LEU A 86 -9.53 -0.52 -7.33
CA LEU A 86 -10.49 0.43 -7.89
C LEU A 86 -11.92 0.09 -7.53
N LEU A 87 -12.26 -1.20 -7.62
CA LEU A 87 -13.61 -1.65 -7.31
C LEU A 87 -13.89 -1.67 -5.81
N ILE A 88 -12.90 -2.10 -5.02
CA ILE A 88 -13.03 -2.10 -3.56
C ILE A 88 -13.31 -0.68 -3.02
N ALA A 89 -12.55 0.30 -3.50
CA ALA A 89 -12.74 1.71 -3.12
C ALA A 89 -14.15 2.22 -3.48
N SER A 90 -14.68 1.75 -4.59
CA SER A 90 -15.99 2.20 -5.07
C SER A 90 -17.14 1.69 -4.19
N PHE A 91 -17.08 0.41 -3.80
CA PHE A 91 -18.17 -0.15 -2.98
C PHE A 91 -18.06 0.19 -1.49
N SER A 92 -16.83 0.42 -1.04
CA SER A 92 -16.59 0.88 0.33
C SER A 92 -17.29 2.22 0.57
N HIS A 93 -17.03 3.17 -0.32
CA HIS A 93 -17.60 4.51 -0.22
C HIS A 93 -19.11 4.49 -0.39
N ARG A 94 -19.60 3.51 -1.16
CA ARG A 94 -21.04 3.32 -1.35
C ARG A 94 -21.72 2.86 -0.06
N SER A 95 -20.93 2.28 0.84
CA SER A 95 -21.46 1.58 1.99
C SER A 95 -21.28 2.30 3.33
N ILE A 96 -21.03 3.61 3.26
CA ILE A 96 -20.89 4.42 4.46
C ILE A 96 -22.23 4.57 5.16
N ALA A 97 -23.29 4.73 4.37
CA ALA A 97 -24.66 4.90 4.88
C ALA A 97 -25.21 3.64 5.57
N VAL A 98 -24.76 2.46 5.13
CA VAL A 98 -25.21 1.21 5.74
C VAL A 98 -24.42 0.94 7.01
N LYS A 99 -24.99 0.15 7.92
CA LYS A 99 -24.50 0.11 9.30
C LYS A 99 -23.38 -0.90 9.57
N ASP A 100 -23.56 -2.13 9.12
CA ASP A 100 -22.57 -3.19 9.39
C ASP A 100 -22.44 -4.17 8.24
N GLY A 101 -22.15 -3.63 7.07
CA GLY A 101 -22.01 -4.43 5.86
C GLY A 101 -21.78 -3.54 4.68
N ILE A 102 -22.04 -4.06 3.48
CA ILE A 102 -21.80 -3.32 2.25
C ILE A 102 -23.02 -3.26 1.33
N LEU A 103 -23.10 -2.20 0.55
CA LEU A 103 -24.12 -2.06 -0.47
C LEU A 103 -23.51 -2.55 -1.78
N LEU A 104 -23.99 -3.68 -2.27
CA LEU A 104 -23.57 -4.19 -3.58
C LEU A 104 -24.28 -3.43 -4.68
N ALA A 105 -23.65 -3.34 -5.85
CA ALA A 105 -24.20 -2.63 -6.99
C ALA A 105 -25.47 -3.31 -7.55
N THR A 106 -25.58 -4.61 -7.31
CA THR A 106 -26.74 -5.39 -7.71
C THR A 106 -27.98 -5.06 -6.86
N GLY A 107 -27.83 -4.12 -5.94
CA GLY A 107 -28.94 -3.68 -5.09
C GLY A 107 -29.00 -4.35 -3.73
N LEU A 108 -28.40 -5.52 -3.60
CA LEU A 108 -28.42 -6.29 -2.35
C LEU A 108 -27.51 -5.72 -1.27
N HIS A 109 -27.97 -5.79 -0.02
CA HIS A 109 -27.19 -5.38 1.14
C HIS A 109 -26.60 -6.63 1.80
N VAL A 110 -25.27 -6.69 1.90
CA VAL A 110 -24.60 -7.83 2.51
C VAL A 110 -24.08 -7.48 3.90
N HIS A 111 -24.65 -8.11 4.92
CA HIS A 111 -24.29 -7.87 6.31
C HIS A 111 -23.07 -8.69 6.68
N ARG A 112 -22.29 -8.21 7.64
CA ARG A 112 -21.04 -8.86 8.05
C ARG A 112 -21.22 -10.30 8.55
N ASN A 113 -22.41 -10.60 9.07
CA ASN A 113 -22.74 -11.94 9.52
C ASN A 113 -22.98 -12.90 8.35
N SER A 114 -23.64 -12.42 7.30
CA SER A 114 -23.77 -13.17 6.05
C SER A 114 -22.38 -13.53 5.55
N ALA A 115 -21.47 -12.56 5.63
CA ALA A 115 -20.08 -12.74 5.20
C ALA A 115 -19.33 -13.74 6.07
N HIS A 116 -19.44 -13.59 7.39
CA HIS A 116 -18.75 -14.46 8.35
C HIS A 116 -19.26 -15.89 8.27
N SER A 117 -20.57 -16.04 8.14
CA SER A 117 -21.21 -17.35 8.04
C SER A 117 -20.99 -17.99 6.66
N ALA A 118 -20.25 -17.29 5.81
CA ALA A 118 -19.87 -17.80 4.50
C ALA A 118 -18.36 -18.04 4.41
N GLY A 119 -17.64 -17.70 5.48
CA GLY A 119 -16.20 -17.99 5.58
C GLY A 119 -15.26 -16.89 5.14
N VAL A 120 -15.81 -15.75 4.73
CA VAL A 120 -15.01 -14.61 4.29
C VAL A 120 -15.09 -13.45 5.28
N GLY A 121 -15.28 -13.77 6.56
CA GLY A 121 -15.49 -12.78 7.61
C GLY A 121 -14.30 -11.88 7.91
N ALA A 122 -13.09 -12.42 7.72
CA ALA A 122 -11.85 -11.71 8.03
C ALA A 122 -11.60 -10.52 7.08
N ILE A 123 -11.67 -10.79 5.79
CA ILE A 123 -11.43 -9.77 4.77
C ILE A 123 -12.56 -8.73 4.73
N PHE A 124 -13.78 -9.20 4.99
CA PHE A 124 -14.97 -8.34 5.02
C PHE A 124 -14.90 -7.34 6.17
N ASP A 125 -14.47 -7.82 7.34
CA ASP A 125 -14.27 -6.96 8.50
C ASP A 125 -13.18 -5.92 8.26
N ARG A 126 -12.11 -6.32 7.56
CA ARG A 126 -11.01 -5.40 7.20
C ARG A 126 -11.49 -4.24 6.34
N VAL A 127 -12.34 -4.54 5.36
CA VAL A 127 -12.97 -3.51 4.53
C VAL A 127 -13.82 -2.56 5.37
N LEU A 128 -14.59 -3.13 6.29
CA LEU A 128 -15.43 -2.33 7.18
C LEU A 128 -14.60 -1.44 8.09
N THR A 129 -13.58 -2.01 8.72
CA THR A 129 -12.72 -1.27 9.67
C THR A 129 -11.79 -0.29 8.96
N GLU A 130 -10.96 -0.78 8.06
CA GLU A 130 -9.89 0.01 7.46
C GLU A 130 -10.34 1.00 6.39
N LEU A 131 -11.45 0.70 5.73
CA LEU A 131 -11.95 1.54 4.65
C LEU A 131 -13.26 2.25 4.97
N VAL A 132 -14.36 1.49 5.05
CA VAL A 132 -15.69 2.10 5.23
C VAL A 132 -15.74 3.01 6.46
N SER A 133 -15.33 2.50 7.61
CA SER A 133 -15.29 3.29 8.85
C SER A 133 -14.57 4.61 8.65
N LYS A 134 -13.36 4.52 8.11
CA LYS A 134 -12.49 5.67 7.92
C LYS A 134 -13.07 6.67 6.92
N MET A 135 -13.72 6.16 5.87
CA MET A 135 -14.41 7.00 4.91
C MET A 135 -15.58 7.76 5.55
N ARG A 136 -16.34 7.07 6.39
CA ARG A 136 -17.45 7.68 7.12
C ARG A 136 -16.96 8.78 8.10
N ASP A 137 -15.93 8.45 8.86
CA ASP A 137 -15.42 9.33 9.94
C ASP A 137 -14.81 10.64 9.46
N MET A 138 -14.36 10.67 8.20
CA MET A 138 -13.81 11.91 7.63
C MET A 138 -14.79 12.48 6.60
N GLN A 139 -15.90 11.78 6.40
CA GLN A 139 -16.92 12.15 5.43
C GLN A 139 -16.28 12.41 4.06
N MET A 140 -15.54 11.42 3.58
CA MET A 140 -14.89 11.47 2.28
C MET A 140 -15.96 11.70 1.21
N ASP A 141 -15.84 12.81 0.48
CA ASP A 141 -16.82 13.15 -0.55
C ASP A 141 -16.53 12.42 -1.86
N LYS A 142 -17.46 12.54 -2.81
CA LYS A 142 -17.39 11.81 -4.08
C LYS A 142 -16.27 12.29 -5.00
N THR A 143 -15.85 13.54 -4.83
CA THR A 143 -14.71 14.10 -5.57
C THR A 143 -13.38 13.50 -5.08
N GLU A 144 -13.23 13.41 -3.76
CA GLU A 144 -12.04 12.82 -3.14
C GLU A 144 -11.89 11.34 -3.51
N LEU A 145 -13.01 10.61 -3.47
CA LEU A 145 -13.04 9.23 -3.93
C LEU A 145 -12.52 9.14 -5.35
N GLY A 146 -13.14 9.90 -6.26
CA GLY A 146 -12.74 9.94 -7.65
C GLY A 146 -11.25 10.12 -7.82
N CYS A 147 -10.70 11.15 -7.17
CA CYS A 147 -9.27 11.44 -7.25
C CYS A 147 -8.41 10.29 -6.76
N LEU A 148 -8.79 9.69 -5.63
CA LEU A 148 -8.03 8.56 -5.08
C LEU A 148 -8.06 7.39 -6.04
N ARG A 149 -9.25 7.10 -6.59
CA ARG A 149 -9.39 6.07 -7.60
C ARG A 149 -8.58 6.41 -8.86
N ALA A 150 -8.62 7.67 -9.27
CA ALA A 150 -7.83 8.13 -10.41
C ALA A 150 -6.33 7.97 -10.17
N ILE A 151 -5.87 8.25 -8.95
CA ILE A 151 -4.47 8.02 -8.57
C ILE A 151 -4.12 6.54 -8.74
N VAL A 152 -4.99 5.68 -8.19
CA VAL A 152 -4.82 4.23 -8.28
C VAL A 152 -4.74 3.77 -9.74
N LEU A 153 -5.61 4.32 -10.59
CA LEU A 153 -5.64 3.98 -12.01
C LEU A 153 -4.31 4.31 -12.69
N PHE A 154 -3.80 5.52 -12.48
CA PHE A 154 -2.51 5.90 -13.03
C PHE A 154 -1.38 5.38 -12.15
N ASN A 155 -1.24 4.06 -12.10
CA ASN A 155 -0.18 3.39 -11.35
C ASN A 155 1.05 3.21 -12.24
N PRO A 156 2.10 4.02 -12.01
CA PRO A 156 3.31 3.96 -12.84
C PRO A 156 4.14 2.69 -12.63
N ASP A 157 3.93 2.01 -11.51
CA ASP A 157 4.69 0.81 -11.15
C ASP A 157 4.26 -0.42 -11.95
N SER A 158 3.09 -0.32 -12.61
CA SER A 158 2.51 -1.40 -13.40
C SER A 158 3.52 -1.93 -14.42
N LYS A 159 3.80 -3.23 -14.33
CA LYS A 159 4.78 -3.88 -15.21
C LYS A 159 4.24 -3.95 -16.62
N GLY A 160 5.11 -3.63 -17.59
CA GLY A 160 4.76 -3.72 -19.00
C GLY A 160 4.44 -2.39 -19.65
N LEU A 161 4.17 -1.37 -18.84
CA LEU A 161 3.81 -0.04 -19.33
C LEU A 161 4.82 0.51 -20.35
N SER A 162 4.31 0.84 -21.56
CA SER A 162 5.16 1.39 -22.63
C SER A 162 5.87 2.68 -22.19
N ASN A 163 5.10 3.65 -21.71
CA ASN A 163 5.67 4.88 -21.17
C ASN A 163 5.26 5.10 -19.70
N PRO A 164 6.11 4.66 -18.76
CA PRO A 164 5.84 4.80 -17.32
C PRO A 164 5.85 6.25 -16.85
N ALA A 165 6.75 7.07 -17.41
CA ALA A 165 6.86 8.49 -17.05
C ALA A 165 5.60 9.28 -17.43
N GLU A 166 4.99 8.91 -18.53
CA GLU A 166 3.70 9.47 -18.98
C GLU A 166 2.61 9.23 -17.93
N VAL A 167 2.51 7.99 -17.46
CA VAL A 167 1.59 7.61 -16.39
C VAL A 167 1.96 8.31 -15.08
N GLU A 168 3.26 8.37 -14.79
CA GLU A 168 3.77 9.06 -13.60
C GLU A 168 3.34 10.54 -13.60
N ALA A 169 3.44 11.17 -14.77
CA ALA A 169 3.04 12.57 -14.95
C ALA A 169 1.56 12.76 -14.64
N LEU A 170 0.72 11.86 -15.15
CA LEU A 170 -0.72 11.96 -14.95
C LEU A 170 -1.13 11.75 -13.49
N ARG A 171 -0.42 10.87 -12.79
CA ARG A 171 -0.65 10.68 -11.35
C ARG A 171 -0.44 11.99 -10.59
N GLU A 172 0.63 12.69 -10.93
CA GLU A 172 0.98 13.97 -10.32
C GLU A 172 -0.08 15.05 -10.51
N LYS A 173 -0.68 15.08 -11.70
CA LYS A 173 -1.75 16.03 -12.00
C LYS A 173 -3.02 15.76 -11.18
N VAL A 174 -3.30 14.49 -10.89
CA VAL A 174 -4.48 14.12 -10.13
C VAL A 174 -4.34 14.53 -8.67
N TYR A 175 -3.21 14.22 -8.04
CA TYR A 175 -3.03 14.55 -6.64
C TYR A 175 -2.75 16.03 -6.38
N ALA A 176 -2.18 16.73 -7.37
CA ALA A 176 -2.04 18.17 -7.30
C ALA A 176 -3.41 18.84 -7.29
N SER A 177 -4.29 18.38 -8.18
CA SER A 177 -5.67 18.87 -8.24
C SER A 177 -6.47 18.49 -6.99
N LEU A 178 -6.08 17.40 -6.34
CA LEU A 178 -6.75 16.94 -5.13
C LEU A 178 -6.38 17.80 -3.93
N GLU A 179 -5.08 18.06 -3.75
CA GLU A 179 -4.60 18.95 -2.69
C GLU A 179 -5.19 20.36 -2.83
N ALA A 180 -5.27 20.85 -4.07
CA ALA A 180 -5.92 22.12 -4.37
C ALA A 180 -7.39 22.11 -3.98
N TYR A 181 -8.06 20.98 -4.17
CA TYR A 181 -9.45 20.81 -3.76
C TYR A 181 -9.57 20.76 -2.24
N CYS A 182 -8.64 20.06 -1.60
CA CYS A 182 -8.62 19.88 -0.15
C CYS A 182 -8.39 21.19 0.59
N LYS A 183 -7.30 21.89 0.23
CA LYS A 183 -6.95 23.19 0.81
C LYS A 183 -8.02 24.24 0.57
N HIS A 184 -8.78 24.08 -0.52
CA HIS A 184 -9.86 24.99 -0.86
C HIS A 184 -11.15 24.69 -0.09
N LYS A 185 -11.77 23.54 -0.37
CA LYS A 185 -13.10 23.21 0.17
C LYS A 185 -13.09 22.64 1.59
N TYR A 186 -11.90 22.38 2.13
CA TYR A 186 -11.75 22.01 3.55
C TYR A 186 -10.56 22.74 4.16
N PRO A 187 -10.65 24.08 4.30
CA PRO A 187 -9.47 24.83 4.74
C PRO A 187 -9.19 24.62 6.23
N GLU A 188 -10.18 24.15 6.97
CA GLU A 188 -10.07 23.95 8.41
C GLU A 188 -9.29 22.68 8.77
N GLN A 189 -9.22 21.75 7.82
CA GLN A 189 -8.54 20.46 8.01
C GLN A 189 -7.28 20.41 7.16
N PRO A 190 -6.12 20.76 7.76
CA PRO A 190 -4.88 20.83 6.99
C PRO A 190 -4.35 19.46 6.58
N GLY A 191 -4.60 18.44 7.41
CA GLY A 191 -4.07 17.11 7.17
C GLY A 191 -4.93 16.16 6.35
N ARG A 192 -6.02 16.69 5.78
CA ARG A 192 -7.00 15.86 5.05
C ARG A 192 -6.43 15.20 3.80
N PHE A 193 -5.65 15.96 3.02
CA PHE A 193 -5.03 15.45 1.80
C PHE A 193 -4.11 14.26 2.05
N ALA A 194 -3.31 14.34 3.11
CA ALA A 194 -2.42 13.26 3.49
C ALA A 194 -3.19 12.09 4.11
N LYS A 195 -4.24 12.42 4.86
CA LYS A 195 -5.15 11.43 5.43
C LYS A 195 -5.81 10.61 4.32
N LEU A 196 -6.21 11.29 3.24
CA LEU A 196 -6.79 10.63 2.07
C LEU A 196 -5.81 9.64 1.43
N LEU A 197 -4.56 10.08 1.24
CA LEU A 197 -3.54 9.28 0.56
C LEU A 197 -3.12 8.06 1.38
N LEU A 198 -3.32 8.14 2.70
CA LEU A 198 -2.88 7.07 3.58
C LEU A 198 -3.92 5.96 3.78
N ARG A 199 -4.99 5.99 2.99
CA ARG A 199 -5.91 4.86 2.92
C ARG A 199 -5.48 3.92 1.79
N LEU A 200 -4.48 4.33 1.03
CA LEU A 200 -4.02 3.56 -0.14
C LEU A 200 -3.20 2.31 0.19
N PRO A 201 -2.39 2.35 1.28
CA PRO A 201 -1.75 1.08 1.65
C PRO A 201 -2.76 0.07 2.24
N ALA A 202 -3.80 0.57 2.90
CA ALA A 202 -4.91 -0.27 3.34
C ALA A 202 -5.62 -0.86 2.12
N LEU A 203 -5.93 0.01 1.16
CA LEU A 203 -6.55 -0.39 -0.11
C LEU A 203 -5.74 -1.44 -0.85
N ARG A 204 -4.42 -1.23 -0.93
CA ARG A 204 -3.51 -2.15 -1.62
C ARG A 204 -3.42 -3.50 -0.89
N SER A 205 -3.35 -3.46 0.44
CA SER A 205 -3.22 -4.66 1.25
C SER A 205 -4.48 -5.51 1.18
N ILE A 206 -5.64 -4.84 1.27
CA ILE A 206 -6.94 -5.49 1.14
C ILE A 206 -7.12 -6.00 -0.29
N GLY A 207 -6.65 -5.23 -1.26
CA GLY A 207 -6.73 -5.60 -2.68
C GLY A 207 -6.10 -6.94 -2.99
N LEU A 208 -4.92 -7.17 -2.42
CA LEU A 208 -4.16 -8.39 -2.67
C LEU A 208 -4.77 -9.62 -2.00
N LYS A 209 -5.24 -9.45 -0.76
CA LYS A 209 -5.88 -10.54 -0.04
C LYS A 209 -7.23 -10.87 -0.69
N CYS A 210 -7.85 -9.85 -1.27
CA CYS A 210 -9.08 -10.01 -2.03
C CYS A 210 -8.89 -10.87 -3.28
N LEU A 211 -7.78 -10.62 -3.97
CA LEU A 211 -7.40 -11.35 -5.17
C LEU A 211 -7.08 -12.80 -4.83
N GLU A 212 -6.35 -12.99 -3.73
CA GLU A 212 -5.95 -14.32 -3.25
C GLU A 212 -7.17 -15.23 -3.04
N HIS A 213 -8.28 -14.64 -2.60
CA HIS A 213 -9.55 -15.36 -2.39
C HIS A 213 -10.20 -15.79 -3.69
N LEU A 214 -10.36 -14.84 -4.60
CA LEU A 214 -10.95 -15.08 -5.93
C LEU A 214 -10.26 -16.23 -6.67
N PHE A 215 -8.92 -16.25 -6.64
CA PHE A 215 -8.14 -17.34 -7.22
C PHE A 215 -8.54 -18.69 -6.63
N PHE A 216 -8.74 -18.71 -5.31
CA PHE A 216 -9.15 -19.91 -4.60
C PHE A 216 -10.57 -20.36 -4.98
N PHE A 217 -11.50 -19.40 -5.08
CA PHE A 217 -12.87 -19.69 -5.51
C PHE A 217 -12.88 -20.29 -6.92
N LYS A 218 -12.01 -19.76 -7.78
CA LYS A 218 -11.82 -20.29 -9.13
C LYS A 218 -11.21 -21.69 -9.09
N LEU A 219 -10.16 -21.86 -8.27
CA LEU A 219 -9.44 -23.14 -8.14
C LEU A 219 -10.37 -24.27 -7.71
N ILE A 220 -11.09 -24.07 -6.62
CA ILE A 220 -12.00 -25.09 -6.10
C ILE A 220 -13.28 -25.22 -6.95
N GLY A 221 -13.65 -24.13 -7.63
CA GLY A 221 -14.70 -24.18 -8.63
C GLY A 221 -16.12 -24.49 -8.18
N ASP A 222 -16.44 -24.22 -6.92
CA ASP A 222 -17.84 -24.33 -6.47
C ASP A 222 -18.53 -22.97 -6.31
N THR A 223 -18.03 -21.98 -7.05
CA THR A 223 -18.62 -20.64 -7.09
C THR A 223 -18.64 -20.17 -8.55
N PRO A 224 -19.83 -20.04 -9.15
CA PRO A 224 -19.90 -19.60 -10.55
C PRO A 224 -19.25 -18.23 -10.76
N ILE A 225 -18.29 -18.17 -11.68
CA ILE A 225 -17.57 -16.95 -11.98
C ILE A 225 -17.82 -16.55 -13.42
N ASP A 226 -18.25 -15.31 -13.63
CA ASP A 226 -18.60 -14.83 -14.96
C ASP A 226 -17.39 -14.51 -15.82
N THR A 227 -17.65 -14.36 -17.11
CA THR A 227 -16.61 -14.25 -18.14
C THR A 227 -15.59 -13.12 -17.90
N PHE A 228 -16.08 -11.92 -17.61
CA PHE A 228 -15.20 -10.77 -17.39
C PHE A 228 -14.38 -10.91 -16.10
N LEU A 229 -15.00 -11.44 -15.05
CA LEU A 229 -14.30 -11.72 -13.82
C LEU A 229 -13.25 -12.80 -14.03
N MET A 230 -13.63 -13.82 -14.79
CA MET A 230 -12.74 -14.92 -15.18
C MET A 230 -11.55 -14.43 -16.00
N GLU A 231 -11.80 -13.47 -16.89
CA GLU A 231 -10.75 -12.91 -17.76
C GLU A 231 -9.73 -12.09 -16.97
N MET A 232 -10.20 -11.39 -15.94
CA MET A 232 -9.33 -10.62 -15.06
C MET A 232 -8.50 -11.52 -14.16
N LEU A 233 -9.01 -12.73 -13.91
CA LEU A 233 -8.35 -13.71 -13.05
C LEU A 233 -7.43 -14.67 -13.79
N GLU A 234 -7.06 -14.34 -15.02
CA GLU A 234 -6.16 -15.21 -15.76
C GLU A 234 -4.77 -14.62 -15.91
N ALA A 235 -3.76 -15.49 -15.75
CA ALA A 235 -2.35 -15.11 -15.77
C ALA A 235 -2.02 -14.14 -16.91
N PRO A 236 -1.30 -13.03 -16.59
CA PRO A 236 -1.01 -11.92 -17.50
C PRO A 236 -1.03 -12.30 -18.99
N HIS B 2 -6.71 -11.18 -23.53
CA HIS B 2 -7.84 -10.52 -22.79
C HIS B 2 -8.85 -9.96 -23.80
N LYS B 3 -9.68 -10.84 -24.33
CA LYS B 3 -10.66 -10.51 -25.37
C LYS B 3 -11.59 -9.36 -24.98
N ILE B 4 -12.34 -9.55 -23.90
CA ILE B 4 -13.41 -8.63 -23.46
C ILE B 4 -12.90 -7.22 -23.16
N LEU B 5 -11.78 -7.13 -22.47
CA LEU B 5 -11.20 -5.83 -22.12
C LEU B 5 -10.87 -4.98 -23.34
N HIS B 6 -10.21 -5.59 -24.33
CA HIS B 6 -9.84 -4.90 -25.57
C HIS B 6 -11.06 -4.43 -26.34
N ARG B 7 -12.08 -5.29 -26.39
CA ARG B 7 -13.33 -4.97 -27.05
C ARG B 7 -14.04 -3.83 -26.34
N LEU B 8 -13.99 -3.82 -25.01
CA LEU B 8 -14.68 -2.81 -24.22
C LEU B 8 -13.96 -1.47 -24.18
N LEU B 9 -12.65 -1.48 -24.38
CA LEU B 9 -11.85 -0.25 -24.38
C LEU B 9 -11.84 0.46 -25.73
N GLN B 10 -12.10 -0.29 -26.80
CA GLN B 10 -12.02 0.23 -28.17
CA GLN B 10 -12.01 0.26 -28.15
C GLN B 10 -13.14 1.22 -28.52
N ASP B 11 -14.38 0.80 -28.28
CA ASP B 11 -15.55 1.65 -28.60
C ASP B 11 -15.82 2.69 -27.52
N ASN C 5 9.01 22.91 15.04
CA ASN C 5 8.40 21.54 15.06
C ASN C 5 8.29 20.95 16.47
N GLU C 6 7.04 20.77 16.91
CA GLU C 6 6.71 20.68 18.34
C GLU C 6 6.79 19.29 18.99
N ASP C 7 5.74 18.47 18.83
CA ASP C 7 5.65 17.16 19.46
C ASP C 7 6.43 16.07 18.70
N MET C 8 6.50 16.23 17.38
CA MET C 8 7.22 15.30 16.52
C MET C 8 8.31 16.03 15.72
N PRO C 9 9.45 16.34 16.37
CA PRO C 9 10.53 17.07 15.69
C PRO C 9 11.31 16.17 14.73
N VAL C 10 11.46 16.64 13.48
CA VAL C 10 12.18 15.90 12.44
C VAL C 10 13.63 15.63 12.81
N GLU C 11 14.18 16.45 13.70
CA GLU C 11 15.56 16.33 14.16
C GLU C 11 15.77 15.07 15.00
N ARG C 12 14.75 14.68 15.75
CA ARG C 12 14.82 13.52 16.63
C ARG C 12 14.67 12.22 15.83
N ILE C 13 13.83 12.28 14.80
CA ILE C 13 13.62 11.14 13.90
C ILE C 13 14.87 10.90 13.05
N LEU C 14 15.51 11.99 12.63
CA LEU C 14 16.79 11.93 11.91
C LEU C 14 17.90 11.36 12.79
N GLU C 15 17.89 11.75 14.07
CA GLU C 15 18.87 11.26 15.05
C GLU C 15 18.74 9.76 15.29
N ALA C 16 17.49 9.27 15.23
CA ALA C 16 17.22 7.84 15.33
C ALA C 16 17.80 7.09 14.14
N GLU C 17 17.66 7.66 12.95
CA GLU C 17 18.21 7.09 11.72
C GLU C 17 19.74 7.09 11.72
N LEU C 18 20.34 8.16 12.23
CA LEU C 18 21.80 8.27 12.29
C LEU C 18 22.41 7.46 13.43
N ALA C 19 21.61 7.21 14.47
CA ALA C 19 22.06 6.42 15.62
C ALA C 19 22.13 4.92 15.34
N VAL C 20 21.41 4.47 14.32
CA VAL C 20 21.35 3.06 13.95
C VAL C 20 22.21 2.71 12.73
N GLU C 21 22.76 3.74 12.08
CA GLU C 21 23.56 3.61 10.87
C GLU C 21 24.66 2.55 11.01
N PRO C 22 24.63 1.50 10.16
CA PRO C 22 25.48 0.30 10.23
C PRO C 22 26.96 0.58 10.52
N ASN C 40 27.52 -16.88 -0.76
CA ASN C 40 27.52 -18.20 -1.41
C ASN C 40 26.10 -18.61 -1.83
N ASP C 41 25.17 -18.60 -0.87
CA ASP C 41 23.74 -18.59 -1.20
C ASP C 41 23.23 -17.20 -0.83
N PRO C 42 22.85 -16.39 -1.85
CA PRO C 42 22.35 -15.03 -1.63
C PRO C 42 21.20 -14.97 -0.62
N VAL C 43 20.28 -15.92 -0.71
CA VAL C 43 19.10 -15.99 0.17
C VAL C 43 19.48 -16.21 1.64
N THR C 44 20.54 -16.99 1.88
CA THR C 44 21.08 -17.19 3.22
C THR C 44 21.67 -15.89 3.79
N ASN C 45 22.37 -15.13 2.94
CA ASN C 45 23.04 -13.90 3.33
C ASN C 45 22.07 -12.76 3.66
N ILE C 46 21.02 -12.64 2.86
CA ILE C 46 19.98 -11.64 3.07
C ILE C 46 19.22 -11.94 4.36
N CYS C 47 19.00 -13.22 4.63
CA CYS C 47 18.34 -13.69 5.84
C CYS C 47 19.17 -13.46 7.10
N GLN C 48 20.49 -13.68 6.99
CA GLN C 48 21.40 -13.38 8.08
C GLN C 48 21.35 -11.90 8.43
N ALA C 49 21.30 -11.07 7.39
CA ALA C 49 21.23 -9.63 7.54
C ALA C 49 19.90 -9.16 8.12
N ALA C 50 18.83 -9.91 7.82
CA ALA C 50 17.49 -9.57 8.28
C ALA C 50 17.34 -9.76 9.78
N ASP C 51 17.80 -10.92 10.28
CA ASP C 51 17.82 -11.22 11.71
C ASP C 51 18.65 -10.19 12.46
N LYS C 52 19.82 -9.87 11.91
CA LYS C 52 20.73 -8.86 12.46
C LYS C 52 20.01 -7.52 12.62
N GLN C 53 19.35 -7.08 11.56
CA GLN C 53 18.68 -5.77 11.54
C GLN C 53 17.45 -5.66 12.43
N LEU C 54 16.85 -6.79 12.79
CA LEU C 54 15.68 -6.77 13.66
C LEU C 54 16.02 -6.24 15.04
N PHE C 55 17.21 -6.63 15.54
CA PHE C 55 17.74 -6.12 16.80
C PHE C 55 17.88 -4.60 16.80
N THR C 56 18.52 -4.07 15.76
CA THR C 56 18.76 -2.63 15.67
C THR C 56 17.52 -1.85 15.26
N LEU C 57 16.51 -2.57 14.77
CA LEU C 57 15.21 -1.95 14.49
C LEU C 57 14.49 -1.60 15.80
N VAL C 58 14.62 -2.44 16.81
CA VAL C 58 14.05 -2.16 18.13
C VAL C 58 14.67 -0.87 18.70
N GLU C 59 16.01 -0.80 18.66
CA GLU C 59 16.75 0.38 19.10
C GLU C 59 16.32 1.64 18.35
N TRP C 60 15.98 1.48 17.07
CA TRP C 60 15.45 2.58 16.26
C TRP C 60 14.09 3.02 16.78
N ALA C 61 13.18 2.05 16.95
CA ALA C 61 11.82 2.33 17.38
C ALA C 61 11.78 3.03 18.74
N LYS C 62 12.64 2.58 19.66
CA LYS C 62 12.83 3.20 20.98
C LYS C 62 13.17 4.69 20.89
N ARG C 63 13.98 5.05 19.90
CA ARG C 63 14.47 6.42 19.74
C ARG C 63 13.48 7.32 18.99
N ILE C 64 12.38 6.75 18.51
CA ILE C 64 11.32 7.53 17.88
C ILE C 64 10.41 8.15 18.96
N PRO C 65 10.27 9.49 18.96
CA PRO C 65 9.51 10.22 19.96
C PRO C 65 8.15 9.59 20.26
N HIS C 66 7.90 9.34 21.55
CA HIS C 66 6.62 8.86 22.08
C HIS C 66 6.28 7.39 21.84
N PHE C 67 7.12 6.67 21.10
CA PHE C 67 6.87 5.25 20.85
C PHE C 67 7.04 4.45 22.14
N SER C 68 8.15 4.70 22.84
CA SER C 68 8.48 4.00 24.08
C SER C 68 7.43 4.22 25.18
N GLU C 69 6.63 5.28 25.04
CA GLU C 69 5.61 5.63 26.02
C GLU C 69 4.29 4.89 25.78
N LEU C 70 4.17 4.20 24.65
CA LEU C 70 3.03 3.32 24.39
C LEU C 70 3.16 2.05 25.23
N PRO C 71 2.03 1.45 25.67
CA PRO C 71 2.10 0.20 26.43
C PRO C 71 2.89 -0.88 25.70
N LEU C 72 3.59 -1.73 26.46
CA LEU C 72 4.44 -2.79 25.88
C LEU C 72 3.73 -3.67 24.85
N ASP C 73 2.51 -4.10 25.17
CA ASP C 73 1.75 -4.97 24.27
C ASP C 73 1.40 -4.29 22.93
N ASP C 74 1.07 -3.00 22.98
CA ASP C 74 0.86 -2.19 21.76
C ASP C 74 2.14 -2.04 20.94
N GLN C 75 3.27 -1.85 21.62
CA GLN C 75 4.58 -1.69 20.98
C GLN C 75 4.99 -2.94 20.20
N VAL C 76 4.67 -4.10 20.76
CA VAL C 76 4.94 -5.40 20.16
C VAL C 76 4.16 -5.57 18.85
N ILE C 77 2.87 -5.23 18.90
CA ILE C 77 2.00 -5.29 17.73
C ILE C 77 2.53 -4.42 16.58
N LEU C 78 2.91 -3.18 16.90
CA LEU C 78 3.42 -2.23 15.89
C LEU C 78 4.69 -2.70 15.16
N LEU C 79 5.58 -3.38 15.89
CA LEU C 79 6.80 -3.91 15.29
C LEU C 79 6.53 -5.20 14.51
N ARG C 80 5.67 -6.05 15.05
CA ARG C 80 5.34 -7.32 14.40
C ARG C 80 4.58 -7.11 13.09
N ALA C 81 3.89 -5.98 12.99
CA ALA C 81 3.11 -5.63 11.80
C ALA C 81 3.94 -4.86 10.77
N GLY C 82 4.98 -4.18 11.24
CA GLY C 82 5.72 -3.27 10.37
C GLY C 82 7.11 -3.69 9.97
N TRP C 83 7.67 -4.71 10.63
CA TRP C 83 9.08 -5.04 10.45
C TRP C 83 9.53 -5.18 9.00
N ASN C 84 8.72 -5.87 8.18
CA ASN C 84 9.06 -6.04 6.78
C ASN C 84 9.21 -4.71 6.05
N GLU C 85 8.14 -3.93 6.03
CA GLU C 85 8.14 -2.61 5.41
C GLU C 85 9.26 -1.72 5.95
N LEU C 86 9.40 -1.69 7.29
CA LEU C 86 10.39 -0.85 7.95
C LEU C 86 11.83 -1.17 7.53
N LEU C 87 12.15 -2.46 7.49
CA LEU C 87 13.48 -2.91 7.08
C LEU C 87 13.72 -2.79 5.58
N ILE C 88 12.67 -3.02 4.79
CA ILE C 88 12.75 -2.90 3.33
C ILE C 88 13.08 -1.47 2.91
N ALA C 89 12.41 -0.49 3.52
CA ALA C 89 12.68 0.94 3.27
C ALA C 89 14.11 1.29 3.65
N SER C 90 14.62 0.69 4.72
CA SER C 90 15.96 0.94 5.20
C SER C 90 17.05 0.51 4.23
N PHE C 91 17.03 -0.75 3.80
CA PHE C 91 18.06 -1.24 2.88
C PHE C 91 17.95 -0.63 1.48
N SER C 92 16.75 -0.20 1.11
CA SER C 92 16.51 0.45 -0.18
C SER C 92 17.19 1.82 -0.28
N HIS C 93 16.97 2.66 0.73
CA HIS C 93 17.56 3.99 0.78
C HIS C 93 19.07 3.90 0.95
N ARG C 94 19.52 2.83 1.59
CA ARG C 94 20.94 2.55 1.76
C ARG C 94 21.57 2.17 0.44
N SER C 95 20.74 1.81 -0.55
CA SER C 95 21.22 1.27 -1.82
C SER C 95 21.15 2.24 -3.00
N ILE C 96 20.66 3.46 -2.77
CA ILE C 96 20.61 4.49 -3.81
C ILE C 96 22.00 4.75 -4.44
N ALA C 97 23.04 4.37 -3.70
CA ALA C 97 24.43 4.53 -4.13
C ALA C 97 24.84 3.49 -5.16
N VAL C 98 24.45 2.23 -4.95
CA VAL C 98 24.87 1.12 -5.81
C VAL C 98 24.08 1.05 -7.11
N LYS C 99 24.71 0.50 -8.15
CA LYS C 99 24.19 0.57 -9.52
C LYS C 99 23.05 -0.42 -9.78
N ASP C 100 23.29 -1.72 -9.67
CA ASP C 100 22.24 -2.73 -9.87
C ASP C 100 22.21 -3.82 -8.79
N GLY C 101 21.74 -3.45 -7.61
CA GLY C 101 21.71 -4.36 -6.48
C GLY C 101 21.44 -3.61 -5.18
N ILE C 102 21.76 -4.26 -4.07
CA ILE C 102 21.56 -3.67 -2.75
C ILE C 102 22.76 -3.90 -1.83
N LEU C 103 22.99 -2.95 -0.92
CA LEU C 103 24.03 -3.11 0.07
C LEU C 103 23.39 -3.62 1.36
N LEU C 104 23.69 -4.87 1.70
CA LEU C 104 23.22 -5.46 2.96
C LEU C 104 23.96 -4.85 4.15
N ALA C 105 23.29 -4.84 5.29
CA ALA C 105 23.85 -4.30 6.54
C ALA C 105 25.08 -5.08 7.03
N THR C 106 25.24 -6.30 6.53
CA THR C 106 26.42 -7.11 6.82
C THR C 106 27.67 -6.61 6.11
N GLY C 107 27.49 -5.73 5.11
CA GLY C 107 28.59 -5.22 4.29
C GLY C 107 28.68 -5.86 2.91
N LEU C 108 27.96 -6.96 2.70
CA LEU C 108 27.93 -7.63 1.39
C LEU C 108 26.97 -6.93 0.42
N HIS C 109 27.30 -7.04 -0.87
CA HIS C 109 26.48 -6.51 -1.94
CA HIS C 109 26.47 -6.51 -1.93
C HIS C 109 25.81 -7.66 -2.68
N VAL C 110 24.50 -7.52 -2.93
CA VAL C 110 23.74 -8.52 -3.67
C VAL C 110 23.27 -7.91 -4.98
N HIS C 111 23.84 -8.40 -6.08
CA HIS C 111 23.57 -7.90 -7.42
C HIS C 111 22.32 -8.55 -7.99
N ARG C 112 21.61 -7.80 -8.84
CA ARG C 112 20.50 -8.30 -9.64
C ARG C 112 20.68 -9.76 -10.08
N ASN C 113 21.80 -10.05 -10.76
CA ASN C 113 22.07 -11.37 -11.31
C ASN C 113 22.24 -12.43 -10.25
N SER C 114 22.87 -12.06 -9.14
CA SER C 114 23.07 -12.94 -8.00
C SER C 114 21.73 -13.35 -7.39
N ALA C 115 20.81 -12.40 -7.33
CA ALA C 115 19.45 -12.62 -6.82
C ALA C 115 18.61 -13.43 -7.78
N HIS C 116 18.78 -13.17 -9.09
CA HIS C 116 18.06 -13.92 -10.12
CA HIS C 116 18.06 -13.92 -10.13
C HIS C 116 18.47 -15.39 -10.12
N SER C 117 19.77 -15.63 -9.96
CA SER C 117 20.33 -16.98 -9.96
C SER C 117 19.84 -17.80 -8.76
N ALA C 118 19.27 -17.11 -7.77
CA ALA C 118 18.76 -17.74 -6.55
C ALA C 118 17.25 -17.91 -6.58
N GLY C 119 16.61 -17.61 -7.71
CA GLY C 119 15.18 -17.77 -7.87
C GLY C 119 14.32 -16.81 -7.06
N VAL C 120 14.86 -15.60 -6.82
CA VAL C 120 14.11 -14.52 -6.15
C VAL C 120 14.22 -13.23 -6.96
N GLY C 121 14.43 -13.38 -8.27
CA GLY C 121 14.61 -12.26 -9.19
C GLY C 121 13.43 -11.33 -9.31
N ALA C 122 12.22 -11.90 -9.35
CA ALA C 122 11.00 -11.10 -9.51
C ALA C 122 10.83 -10.05 -8.41
N ILE C 123 10.96 -10.47 -7.15
CA ILE C 123 10.77 -9.57 -6.01
C ILE C 123 11.93 -8.59 -5.86
N PHE C 124 13.16 -9.07 -6.09
CA PHE C 124 14.36 -8.24 -6.03
C PHE C 124 14.26 -7.10 -7.03
N ASP C 125 13.78 -7.42 -8.23
CA ASP C 125 13.51 -6.43 -9.28
C ASP C 125 12.44 -5.42 -8.87
N ARG C 126 11.41 -5.89 -8.15
CA ARG C 126 10.35 -5.03 -7.67
C ARG C 126 10.87 -3.99 -6.68
N VAL C 127 11.80 -4.41 -5.82
CA VAL C 127 12.46 -3.51 -4.88
C VAL C 127 13.25 -2.46 -5.66
N LEU C 128 14.07 -2.93 -6.59
CA LEU C 128 14.96 -2.03 -7.35
C LEU C 128 14.23 -0.95 -8.16
N THR C 129 13.24 -1.34 -8.94
CA THR C 129 12.54 -0.39 -9.81
C THR C 129 11.57 0.52 -9.06
N GLU C 130 10.88 -0.04 -8.06
CA GLU C 130 9.83 0.68 -7.34
C GLU C 130 10.30 1.49 -6.14
N LEU C 131 11.35 1.02 -5.46
CA LEU C 131 11.83 1.72 -4.28
C LEU C 131 13.17 2.41 -4.53
N VAL C 132 14.24 1.62 -4.65
CA VAL C 132 15.60 2.16 -4.81
C VAL C 132 15.68 3.22 -5.89
N SER C 133 15.13 2.93 -7.08
CA SER C 133 15.14 3.86 -8.20
C SER C 133 14.41 5.15 -7.89
N LYS C 134 13.18 5.01 -7.38
CA LYS C 134 12.32 6.15 -7.11
C LYS C 134 12.82 6.97 -5.92
N MET C 135 13.51 6.31 -4.99
CA MET C 135 14.24 7.01 -3.95
C MET C 135 15.36 7.81 -4.59
N ARG C 136 16.20 7.14 -5.38
CA ARG C 136 17.35 7.76 -6.06
C ARG C 136 16.95 8.93 -6.95
N ASP C 137 15.90 8.74 -7.76
CA ASP C 137 15.41 9.76 -8.68
C ASP C 137 15.12 11.08 -7.96
N MET C 138 14.46 11.00 -6.81
CA MET C 138 14.02 12.19 -6.11
C MET C 138 14.98 12.60 -4.98
N GLN C 139 16.10 11.88 -4.87
CA GLN C 139 17.11 12.13 -3.84
C GLN C 139 16.54 12.28 -2.43
N MET C 140 15.61 11.40 -2.08
CA MET C 140 15.01 11.34 -0.75
C MET C 140 16.09 11.38 0.34
N ASP C 141 15.94 12.29 1.30
CA ASP C 141 16.93 12.44 2.37
C ASP C 141 16.59 11.59 3.60
N LYS C 142 17.56 11.44 4.50
CA LYS C 142 17.41 10.59 5.68
C LYS C 142 16.29 11.02 6.61
N THR C 143 16.01 12.32 6.66
CA THR C 143 14.90 12.84 7.46
C THR C 143 13.59 12.34 6.88
N GLU C 144 13.43 12.51 5.56
CA GLU C 144 12.25 12.05 4.84
C GLU C 144 12.10 10.53 4.95
N LEU C 145 13.23 9.83 4.94
CA LEU C 145 13.25 8.38 5.12
C LEU C 145 12.69 7.98 6.49
N GLY C 146 13.20 8.62 7.54
CA GLY C 146 12.80 8.32 8.90
C GLY C 146 11.32 8.56 9.12
N CYS C 147 10.83 9.68 8.58
CA CYS C 147 9.43 10.09 8.70
C CYS C 147 8.46 9.07 8.10
N LEU C 148 8.77 8.63 6.88
CA LEU C 148 8.00 7.58 6.22
C LEU C 148 8.01 6.29 7.05
N ARG C 149 9.18 5.92 7.57
CA ARG C 149 9.31 4.77 8.45
C ARG C 149 8.53 4.96 9.75
N ALA C 150 8.48 6.19 10.26
CA ALA C 150 7.71 6.50 11.46
C ALA C 150 6.20 6.43 11.20
N ILE C 151 5.79 6.89 10.02
CA ILE C 151 4.41 6.74 9.56
C ILE C 151 4.01 5.26 9.45
N VAL C 152 4.92 4.44 8.93
CA VAL C 152 4.69 2.98 8.83
C VAL C 152 4.57 2.35 10.22
N LEU C 153 5.47 2.75 11.12
CA LEU C 153 5.48 2.26 12.50
C LEU C 153 4.19 2.61 13.24
N PHE C 154 3.71 3.84 13.09
CA PHE C 154 2.46 4.25 13.73
C PHE C 154 1.24 3.88 12.88
N ASN C 155 1.03 2.57 12.72
CA ASN C 155 -0.05 2.03 11.91
C ASN C 155 -1.29 1.70 12.75
N PRO C 156 -2.34 2.55 12.65
CA PRO C 156 -3.51 2.38 13.51
C PRO C 156 -4.43 1.25 13.05
N ASP C 157 -4.15 0.68 11.89
CA ASP C 157 -4.92 -0.44 11.34
C ASP C 157 -4.52 -1.77 11.95
N SER C 158 -3.40 -1.77 12.68
CA SER C 158 -2.85 -2.98 13.29
C SER C 158 -3.85 -3.63 14.24
N LYS C 159 -4.10 -4.92 14.04
CA LYS C 159 -5.05 -5.67 14.86
C LYS C 159 -4.50 -5.88 16.26
N GLY C 160 -5.32 -5.60 17.27
CA GLY C 160 -4.94 -5.83 18.67
C GLY C 160 -4.63 -4.58 19.47
N LEU C 161 -4.31 -3.50 18.75
CA LEU C 161 -4.00 -2.21 19.38
C LEU C 161 -5.04 -1.80 20.42
N SER C 162 -4.59 -1.70 21.67
CA SER C 162 -5.46 -1.28 22.77
C SER C 162 -5.98 0.15 22.58
N ASN C 163 -5.08 1.07 22.24
CA ASN C 163 -5.46 2.44 21.92
C ASN C 163 -5.03 2.82 20.50
N PRO C 164 -5.91 2.57 19.51
CA PRO C 164 -5.60 2.84 18.10
C PRO C 164 -5.76 4.32 17.74
N ALA C 165 -6.48 5.07 18.56
CA ALA C 165 -6.66 6.50 18.34
C ALA C 165 -5.40 7.30 18.67
N GLU C 166 -4.63 6.85 19.65
CA GLU C 166 -3.38 7.50 20.02
C GLU C 166 -2.27 7.20 19.00
N VAL C 167 -2.33 6.01 18.40
CA VAL C 167 -1.42 5.63 17.31
C VAL C 167 -1.82 6.39 16.05
N GLU C 168 -3.13 6.62 15.89
CA GLU C 168 -3.69 7.41 14.80
C GLU C 168 -3.26 8.87 14.92
N ALA C 169 -3.22 9.37 16.15
CA ALA C 169 -2.83 10.76 16.42
C ALA C 169 -1.32 10.97 16.28
N LEU C 170 -0.55 9.94 16.63
CA LEU C 170 0.90 10.00 16.51
C LEU C 170 1.37 9.94 15.05
N ARG C 171 0.59 9.28 14.21
CA ARG C 171 0.85 9.26 12.76
C ARG C 171 0.64 10.67 12.19
N GLU C 172 -0.48 11.29 12.57
CA GLU C 172 -0.81 12.66 12.15
C GLU C 172 0.24 13.68 12.57
N LYS C 173 0.87 13.43 13.72
CA LYS C 173 1.96 14.27 14.21
C LYS C 173 3.19 14.13 13.32
N VAL C 174 3.46 12.92 12.84
CA VAL C 174 4.62 12.66 11.98
C VAL C 174 4.46 13.29 10.60
N TYR C 175 3.29 13.12 9.99
CA TYR C 175 3.10 13.61 8.62
C TYR C 175 2.79 15.11 8.51
N ALA C 176 2.35 15.72 9.61
CA ALA C 176 2.25 17.17 9.69
C ALA C 176 3.66 17.77 9.72
N SER C 177 4.55 17.15 10.52
CA SER C 177 5.96 17.52 10.57
C SER C 177 6.62 17.32 9.21
N LEU C 178 6.34 16.19 8.57
CA LEU C 178 6.96 15.83 7.30
C LEU C 178 6.63 16.83 6.19
N GLU C 179 5.36 17.23 6.10
CA GLU C 179 4.93 18.21 5.11
C GLU C 179 5.59 19.56 5.37
N ALA C 180 5.61 19.95 6.65
CA ALA C 180 6.29 21.16 7.08
C ALA C 180 7.74 21.18 6.58
N TYR C 181 8.44 20.08 6.80
CA TYR C 181 9.82 19.92 6.38
C TYR C 181 10.00 20.05 4.86
N CYS C 182 9.08 19.47 4.09
CA CYS C 182 9.18 19.47 2.63
C CYS C 182 8.88 20.84 2.02
N LYS C 183 7.95 21.57 2.65
CA LYS C 183 7.64 22.95 2.26
C LYS C 183 8.83 23.85 2.55
N HIS C 184 9.44 23.65 3.71
CA HIS C 184 10.64 24.37 4.13
C HIS C 184 11.84 24.02 3.23
N LYS C 185 12.22 22.74 3.22
CA LYS C 185 13.45 22.29 2.55
C LYS C 185 13.39 22.30 1.02
N TYR C 186 12.24 21.95 0.46
CA TYR C 186 12.10 21.87 -1.00
C TYR C 186 10.85 22.60 -1.48
N PRO C 187 10.83 23.95 -1.36
CA PRO C 187 9.66 24.71 -1.81
C PRO C 187 9.41 24.61 -3.32
N GLU C 188 10.49 24.40 -4.07
CA GLU C 188 10.42 24.30 -5.54
C GLU C 188 9.52 23.17 -6.06
N GLN C 189 9.50 22.06 -5.33
CA GLN C 189 8.66 20.92 -5.69
C GLN C 189 7.48 20.77 -4.72
N PRO C 190 6.30 21.29 -5.12
CA PRO C 190 5.10 21.30 -4.29
C PRO C 190 4.48 19.92 -4.12
N GLY C 191 4.69 19.03 -5.09
CA GLY C 191 4.17 17.68 -5.04
C GLY C 191 5.11 16.65 -4.43
N ARG C 192 6.14 17.11 -3.73
CA ARG C 192 7.14 16.22 -3.14
C ARG C 192 6.61 15.47 -1.92
N PHE C 193 5.83 16.15 -1.09
CA PHE C 193 5.22 15.52 0.08
C PHE C 193 4.37 14.33 -0.31
N ALA C 194 3.48 14.53 -1.28
CA ALA C 194 2.61 13.48 -1.79
C ALA C 194 3.40 12.36 -2.48
N LYS C 195 4.50 12.74 -3.13
CA LYS C 195 5.38 11.79 -3.80
C LYS C 195 5.95 10.78 -2.81
N LEU C 196 6.36 11.26 -1.64
CA LEU C 196 6.91 10.40 -0.59
C LEU C 196 5.87 9.43 -0.03
N LEU C 197 4.66 9.95 0.22
CA LEU C 197 3.57 9.12 0.76
C LEU C 197 3.16 8.03 -0.22
N LEU C 198 3.28 8.34 -1.51
CA LEU C 198 2.84 7.42 -2.55
C LEU C 198 3.86 6.32 -2.90
N ARG C 199 4.89 6.16 -2.08
CA ARG C 199 5.75 4.98 -2.19
C ARG C 199 5.32 3.92 -1.17
N LEU C 200 4.40 4.30 -0.30
CA LEU C 200 3.94 3.43 0.78
C LEU C 200 3.05 2.26 0.35
N PRO C 201 2.14 2.47 -0.64
CA PRO C 201 1.44 1.30 -1.18
C PRO C 201 2.38 0.28 -1.82
N ALA C 202 3.38 0.75 -2.55
CA ALA C 202 4.38 -0.13 -3.14
C ALA C 202 5.19 -0.84 -2.06
N LEU C 203 5.60 -0.08 -1.03
CA LEU C 203 6.31 -0.64 0.11
C LEU C 203 5.48 -1.71 0.83
N ARG C 204 4.18 -1.44 0.96
CA ARG C 204 3.25 -2.39 1.55
C ARG C 204 3.17 -3.67 0.71
N SER C 205 2.95 -3.49 -0.60
CA SER C 205 2.84 -4.59 -1.54
C SER C 205 4.10 -5.46 -1.54
N ILE C 206 5.25 -4.82 -1.67
CA ILE C 206 6.54 -5.51 -1.65
C ILE C 206 6.74 -6.26 -0.32
N GLY C 207 6.36 -5.62 0.78
CA GLY C 207 6.50 -6.19 2.12
C GLY C 207 5.77 -7.51 2.31
N LEU C 208 4.53 -7.57 1.82
CA LEU C 208 3.71 -8.77 1.88
C LEU C 208 4.27 -9.92 1.03
N LYS C 209 4.66 -9.59 -0.19
CA LYS C 209 5.25 -10.58 -1.10
C LYS C 209 6.60 -11.07 -0.55
N CYS C 210 7.32 -10.17 0.11
CA CYS C 210 8.55 -10.52 0.80
C CYS C 210 8.31 -11.46 1.98
N LEU C 211 7.21 -11.24 2.70
CA LEU C 211 6.80 -12.09 3.82
C LEU C 211 6.52 -13.51 3.33
N GLU C 212 5.79 -13.63 2.22
CA GLU C 212 5.48 -14.92 1.60
C GLU C 212 6.73 -15.77 1.42
N HIS C 213 7.70 -15.22 0.68
CA HIS C 213 8.98 -15.90 0.42
C HIS C 213 9.59 -16.43 1.70
N LEU C 214 9.66 -15.57 2.71
CA LEU C 214 10.22 -15.90 4.02
C LEU C 214 9.52 -17.11 4.66
N PHE C 215 8.19 -17.13 4.58
CA PHE C 215 7.39 -18.28 5.04
C PHE C 215 7.77 -19.57 4.30
N PHE C 216 7.92 -19.45 2.98
CA PHE C 216 8.28 -20.59 2.13
C PHE C 216 9.67 -21.17 2.47
N PHE C 217 10.67 -20.29 2.64
CA PHE C 217 12.01 -20.73 3.05
C PHE C 217 11.96 -21.52 4.36
N LYS C 218 11.14 -21.04 5.30
CA LYS C 218 10.93 -21.69 6.59
C LYS C 218 10.22 -23.04 6.43
N LEU C 219 9.13 -23.05 5.67
CA LEU C 219 8.33 -24.26 5.40
C LEU C 219 9.19 -25.38 4.81
N ILE C 220 9.97 -25.05 3.78
CA ILE C 220 10.88 -26.00 3.15
C ILE C 220 12.08 -26.31 4.05
N GLY C 221 12.53 -25.30 4.80
CA GLY C 221 13.65 -25.46 5.73
C GLY C 221 15.01 -25.67 5.07
N ASP C 222 15.08 -25.39 3.77
CA ASP C 222 16.33 -25.51 3.00
C ASP C 222 17.31 -24.37 3.36
N THR C 223 16.83 -23.40 4.12
CA THR C 223 17.58 -22.19 4.43
C THR C 223 17.65 -21.97 5.94
N PRO C 224 18.87 -21.75 6.49
CA PRO C 224 19.05 -21.40 7.90
C PRO C 224 18.40 -20.06 8.25
N ILE C 225 17.55 -20.06 9.27
CA ILE C 225 16.84 -18.87 9.71
C ILE C 225 17.11 -18.67 11.20
N ASP C 226 17.78 -17.57 11.54
CA ASP C 226 18.16 -17.27 12.91
C ASP C 226 16.97 -16.95 13.82
N THR C 227 17.24 -16.95 15.12
CA THR C 227 16.20 -16.93 16.18
C THR C 227 15.22 -15.76 16.15
N PHE C 228 15.72 -14.54 15.93
CA PHE C 228 14.87 -13.36 15.92
C PHE C 228 13.96 -13.37 14.68
N LEU C 229 14.53 -13.67 13.52
CA LEU C 229 13.77 -13.77 12.28
C LEU C 229 12.69 -14.85 12.42
N MET C 230 13.10 -16.02 12.92
CA MET C 230 12.19 -17.13 13.19
C MET C 230 11.04 -16.71 14.11
N GLU C 231 11.37 -15.91 15.13
CA GLU C 231 10.35 -15.43 16.07
C GLU C 231 9.29 -14.56 15.39
N MET C 232 9.74 -13.66 14.51
CA MET C 232 8.84 -12.76 13.78
C MET C 232 8.00 -13.50 12.74
N LEU C 233 8.44 -14.68 12.35
CA LEU C 233 7.73 -15.50 11.37
C LEU C 233 6.72 -16.47 11.99
N GLU C 234 6.54 -16.42 13.31
CA GLU C 234 5.61 -17.34 13.98
C GLU C 234 4.33 -16.67 14.46
N ALA C 235 3.21 -17.34 14.18
CA ALA C 235 1.84 -16.82 14.33
C ALA C 235 1.55 -16.03 15.63
N PRO C 236 0.69 -14.99 15.54
CA PRO C 236 0.34 -14.17 16.70
C PRO C 236 -0.39 -14.95 17.80
N LYS D 1 5.03 -16.93 23.26
CA LYS D 1 4.51 -15.54 23.17
C LYS D 1 5.65 -14.55 22.85
N HIS D 2 6.47 -14.92 21.84
CA HIS D 2 7.61 -14.10 21.36
C HIS D 2 8.49 -13.45 22.43
N LYS D 3 9.42 -14.25 22.97
CA LYS D 3 10.30 -13.83 24.06
C LYS D 3 11.26 -12.70 23.69
N ILE D 4 12.12 -12.94 22.71
CA ILE D 4 13.22 -12.02 22.34
C ILE D 4 12.77 -10.56 22.16
N LEU D 5 11.67 -10.35 21.43
CA LEU D 5 11.14 -9.01 21.18
C LEU D 5 10.78 -8.26 22.46
N HIS D 6 10.18 -8.95 23.42
CA HIS D 6 9.84 -8.36 24.72
C HIS D 6 11.08 -7.97 25.53
N ARG D 7 12.05 -8.89 25.57
CA ARG D 7 13.29 -8.69 26.33
C ARG D 7 14.07 -7.46 25.85
N LEU D 8 14.10 -7.26 24.53
CA LEU D 8 14.81 -6.13 23.94
C LEU D 8 14.05 -4.81 24.08
N LEU D 9 12.73 -4.89 24.22
CA LEU D 9 11.90 -3.71 24.38
C LEU D 9 11.96 -3.11 25.79
N GLN D 10 12.56 -3.85 26.72
CA GLN D 10 12.85 -3.34 28.07
C GLN D 10 14.08 -2.41 28.01
N ASP D 11 15.27 -3.02 27.89
CA ASP D 11 16.53 -2.31 27.57
C ASP D 11 17.68 -3.27 27.29
C11 21P E . -14.80 -9.65 -4.83
C14 21P E . -12.96 -7.74 -6.79
C9 21P E . -14.95 -7.97 -3.09
C13 21P E . -14.78 -7.22 -5.48
C8 21P E . -15.02 -8.99 -2.14
C5 21P E . -13.50 -12.54 -1.09
C1 21P E . -13.63 -7.86 0.32
C12 21P E . -14.86 -10.67 -3.87
C19 21P E . -18.46 -4.96 -5.88
C3 21P E . -15.21 -10.46 0.35
C6 21P E . -16.53 -12.66 -1.40
C18 21P E . -17.32 -4.62 -6.61
C21 21P E . -17.23 -6.79 -4.88
C20 21P E . -18.40 -6.05 -5.01
C10 21P E . -14.84 -8.31 -4.44
C16 21P E . -16.08 -6.46 -5.61
C17 21P E . -16.15 -5.36 -6.48
O2 21P E . -20.83 -4.63 -5.65
C22 21P E . -19.73 -4.14 -6.03
O1 21P E . -19.68 -2.98 -6.48
O4 21P E . -13.75 -6.28 -5.14
C15 21P E . -12.54 -6.77 -5.70
O3 21P E . -14.40 -7.74 -6.76
SI1 21P E . -15.16 -8.72 -0.31
C2 21P E . -16.67 -7.71 0.10
C7 21P E . -14.97 -10.32 -2.53
SI2 21P E . -15.06 -11.55 -1.14
C11 21P F . 14.36 -10.66 3.67
C14 21P F . 12.61 -8.81 5.98
C9 21P F . 14.46 -8.77 2.12
C13 21P F . 14.38 -8.29 4.60
C8 21P F . 14.49 -9.69 1.07
C5 21P F . 12.85 -13.02 -0.35
C1 21P F . 13.03 -8.25 -1.15
C12 21P F . 14.39 -11.56 2.61
C19 21P F . 18.09 -6.19 5.31
C3 21P F . 14.58 -10.85 -1.60
C6 21P F . 15.86 -13.35 -0.20
C18 21P F . 17.94 -6.96 4.16
C21 21P F . 15.84 -6.79 5.97
C20 21P F . 17.03 -6.10 6.21
C10 21P F . 14.41 -9.27 3.44
C16 21P F . 15.68 -7.57 4.83
C17 21P F . 16.75 -7.64 3.92
O2 21P F . 20.47 -6.02 5.40
C22 21P F . 19.37 -5.45 5.56
O1 21P F . 19.31 -4.24 5.92
O4 21P F . 13.37 -7.32 4.35
C15 21P F . 12.17 -7.76 4.98
O3 21P F . 14.01 -8.96 5.81
SI1 21P F . 14.56 -9.19 -0.72
C2 21P F . 16.08 -8.16 -1.06
C7 21P F . 14.45 -11.06 1.30
SI2 21P F . 14.48 -12.12 -0.22
#